data_6S1S
#
_entry.id   6S1S
#
_cell.length_a   82.678
_cell.length_b   82.678
_cell.length_c   123.563
_cell.angle_alpha   90.00
_cell.angle_beta   90.00
_cell.angle_gamma   120.00
#
_symmetry.space_group_name_H-M   'P 32 2 1'
#
loop_
_entity.id
_entity.type
_entity.pdbx_description
1 polymer Beta-lactamase
2 non-polymer '(~{E})-3-[3-(dihydroxyboranyl)phenyl]prop-2-enoic acid'
3 non-polymer 'PHOSPHATE ION'
4 water water
#
_entity_poly.entity_id   1
_entity_poly.type   'polypeptide(L)'
_entity_poly.pdbx_seq_one_letter_code
;MRDTRFPCLCGIAASTLLFATTPAIAGEAPADRLKALVDAAVQPVMKANDIPGLAVAISLKGEPHYFSYGLASKEDGRRV
TPETLFEIGSVSKTFTATLAGYALTQDKMRLDDRASQHWPALQGSRFDGISLLDLATYTAGGLPLQFPDSVQKDQAQIRD
YYRQWQPTYAPGSQRLYSNPSIGLFGYLAARSLGQPFERLMEQQVFPALGLEQTHLDVPEAALAQYAQGYGKDDRPLRVG
PGPLDAEGYGVKTSAADLLRFVDANLHPERLDRPWAQALDATHRGYYKVGDMTQGLGWEAYDWPISLKRLQAGNSTPMAL
QPHRIARLPAPQALEGQRLLNKTGSTNGFGAYVAFVPGRDLGLVILANRNYPNAERVKIAYAILSGLEQQGKVPLKR
;
_entity_poly.pdbx_strand_id   A
#
# COMPACT_ATOMS: atom_id res chain seq x y z
N ALA A 29 -29.09 -5.25 -11.79
CA ALA A 29 -27.68 -5.51 -11.28
C ALA A 29 -27.03 -4.17 -10.91
N PRO A 30 -26.31 -4.05 -9.76
CA PRO A 30 -25.54 -2.83 -9.46
C PRO A 30 -24.48 -2.52 -10.53
N ALA A 31 -23.94 -3.58 -11.17
CA ALA A 31 -22.96 -3.52 -12.30
C ALA A 31 -23.43 -2.63 -13.48
N ASP A 32 -24.75 -2.60 -13.72
CA ASP A 32 -25.36 -1.92 -14.88
C ASP A 32 -25.06 -0.41 -14.86
N ARG A 33 -24.92 0.16 -13.66
CA ARG A 33 -24.72 1.60 -13.48
C ARG A 33 -23.23 1.97 -13.40
N LEU A 34 -22.33 0.98 -13.44
CA LEU A 34 -20.89 1.17 -13.09
C LEU A 34 -20.16 2.04 -14.13
N LYS A 35 -20.38 1.73 -15.41
CA LYS A 35 -19.69 2.45 -16.48
C LYS A 35 -19.96 3.96 -16.36
N ALA A 36 -21.23 4.35 -16.22
CA ALA A 36 -21.55 5.79 -16.14
C ALA A 36 -20.90 6.38 -14.87
N LEU A 37 -20.97 5.63 -13.76
CA LEU A 37 -20.47 6.12 -12.47
C LEU A 37 -18.95 6.34 -12.48
N VAL A 38 -18.24 5.37 -13.07
CA VAL A 38 -16.78 5.40 -13.07
C VAL A 38 -16.31 6.48 -14.04
N ASP A 39 -16.92 6.57 -15.25
CA ASP A 39 -16.55 7.62 -16.20
C ASP A 39 -16.73 8.98 -15.53
N ALA A 40 -17.83 9.18 -14.80
CA ALA A 40 -18.10 10.44 -14.20
C ALA A 40 -17.07 10.75 -13.12
N ALA A 41 -16.62 9.73 -12.39
CA ALA A 41 -15.65 9.95 -11.31
C ALA A 41 -14.28 10.24 -11.91
N VAL A 42 -13.92 9.48 -12.93
CA VAL A 42 -12.56 9.46 -13.50
C VAL A 42 -12.28 10.62 -14.47
N GLN A 43 -13.16 10.84 -15.45
CA GLN A 43 -12.76 11.62 -16.60
C GLN A 43 -12.50 13.07 -16.21
N PRO A 44 -13.36 13.72 -15.39
CA PRO A 44 -13.06 15.08 -14.94
C PRO A 44 -11.73 15.18 -14.18
N VAL A 45 -11.40 14.15 -13.42
CA VAL A 45 -10.16 14.19 -12.67
C VAL A 45 -8.98 14.07 -13.62
N MET A 46 -9.07 13.17 -14.60
CA MET A 46 -8.01 13.00 -15.56
C MET A 46 -7.75 14.33 -16.29
N LYS A 47 -8.83 15.02 -16.63
CA LYS A 47 -8.75 16.26 -17.40
C LYS A 47 -8.08 17.35 -16.54
N ALA A 48 -8.53 17.50 -15.29
CA ALA A 48 -8.08 18.57 -14.40
C ALA A 48 -6.63 18.35 -13.96
N ASN A 49 -6.19 17.09 -13.91
CA ASN A 49 -4.77 16.79 -13.46
C ASN A 49 -3.86 16.36 -14.60
N ASP A 50 -4.34 16.49 -15.85
CA ASP A 50 -3.69 16.07 -17.09
C ASP A 50 -3.09 14.66 -16.95
N ILE A 51 -3.92 13.67 -16.61
CA ILE A 51 -3.43 12.32 -16.37
C ILE A 51 -3.44 11.58 -17.68
N PRO A 52 -2.29 11.06 -18.16
CA PRO A 52 -2.25 10.41 -19.47
C PRO A 52 -3.05 9.10 -19.55
N GLY A 53 -2.98 8.31 -18.48
CA GLY A 53 -3.63 7.08 -18.44
C GLY A 53 -3.95 6.63 -17.05
N LEU A 54 -5.04 5.88 -16.94
CA LEU A 54 -5.57 5.48 -15.66
C LEU A 54 -6.38 4.19 -15.85
N ALA A 55 -6.16 3.22 -14.94
CA ALA A 55 -6.91 2.00 -14.92
C ALA A 55 -7.65 1.86 -13.59
N VAL A 56 -8.93 1.51 -13.69
CA VAL A 56 -9.79 1.15 -12.57
C VAL A 56 -10.17 -0.33 -12.65
N ALA A 57 -10.12 -0.96 -11.48
CA ALA A 57 -10.63 -2.30 -11.32
C ALA A 57 -11.45 -2.33 -10.05
N ILE A 58 -12.67 -2.89 -10.17
CA ILE A 58 -13.61 -3.01 -9.09
C ILE A 58 -14.04 -4.47 -9.00
N SER A 59 -14.09 -4.94 -7.75
CA SER A 59 -14.62 -6.26 -7.39
C SER A 59 -15.96 -6.03 -6.68
N LEU A 60 -17.03 -6.59 -7.27
CA LEU A 60 -18.39 -6.58 -6.73
C LEU A 60 -18.81 -8.04 -6.49
N LYS A 61 -18.88 -8.45 -5.23
CA LYS A 61 -19.07 -9.87 -4.85
C LYS A 61 -18.09 -10.81 -5.56
N GLY A 62 -16.82 -10.43 -5.66
CA GLY A 62 -15.80 -11.27 -6.27
C GLY A 62 -15.77 -11.23 -7.79
N GLU A 63 -16.71 -10.50 -8.45
CA GLU A 63 -16.77 -10.38 -9.89
C GLU A 63 -15.98 -9.13 -10.29
N PRO A 64 -14.97 -9.23 -11.17
CA PRO A 64 -14.17 -8.08 -11.56
C PRO A 64 -14.81 -7.26 -12.69
N HIS A 65 -14.70 -5.94 -12.59
CA HIS A 65 -15.14 -4.98 -13.60
C HIS A 65 -13.99 -4.00 -13.84
N TYR A 66 -13.58 -3.84 -15.11
CA TYR A 66 -12.41 -3.08 -15.45
C TYR A 66 -12.81 -1.88 -16.29
N PHE A 67 -12.16 -0.74 -16.03
CA PHE A 67 -12.35 0.50 -16.80
C PHE A 67 -10.96 1.08 -17.04
N SER A 68 -10.60 1.22 -18.33
CA SER A 68 -9.31 1.68 -18.78
C SER A 68 -9.46 2.97 -19.58
N TYR A 69 -8.59 3.94 -19.28
CA TYR A 69 -8.65 5.25 -19.83
C TYR A 69 -7.27 5.69 -20.31
N GLY A 70 -7.21 6.28 -21.51
CA GLY A 70 -6.04 6.97 -21.95
C GLY A 70 -4.89 6.02 -22.31
N LEU A 71 -3.67 6.56 -22.15
CA LEU A 71 -2.43 6.04 -22.71
C LEU A 71 -1.45 5.65 -21.59
N ALA A 72 -0.91 4.45 -21.75
CA ALA A 72 0.20 3.95 -20.94
C ALA A 72 1.51 4.64 -21.31
N SER A 73 1.63 4.98 -22.61
CA SER A 73 2.75 5.62 -23.15
C SER A 73 2.30 6.57 -24.27
N LYS A 74 2.64 7.84 -24.09
CA LYS A 74 2.33 8.90 -25.04
C LYS A 74 3.25 8.77 -26.26
N GLU A 75 4.52 8.47 -26.03
CA GLU A 75 5.44 8.36 -27.12
C GLU A 75 4.87 7.36 -28.14
N ASP A 76 4.28 6.24 -27.73
CA ASP A 76 3.91 5.32 -28.82
C ASP A 76 2.43 4.92 -28.80
N GLY A 77 1.58 5.77 -28.22
CA GLY A 77 0.11 5.61 -28.27
C GLY A 77 -0.37 4.24 -27.80
N ARG A 78 0.38 3.58 -26.90
CA ARG A 78 -0.07 2.33 -26.29
C ARG A 78 -1.17 2.66 -25.26
N ARG A 79 -2.33 2.03 -25.40
CA ARG A 79 -3.54 2.28 -24.60
C ARG A 79 -3.32 1.59 -23.23
N VAL A 80 -3.85 2.18 -22.16
CA VAL A 80 -3.98 1.48 -20.88
C VAL A 80 -4.96 0.33 -21.05
N THR A 81 -4.62 -0.81 -20.47
CA THR A 81 -5.54 -1.95 -20.36
C THR A 81 -5.50 -2.44 -18.90
N PRO A 82 -6.35 -3.40 -18.50
CA PRO A 82 -6.23 -4.03 -17.18
C PRO A 82 -4.92 -4.81 -16.94
N GLU A 83 -4.12 -5.03 -18.00
CA GLU A 83 -2.85 -5.76 -17.89
C GLU A 83 -1.66 -4.80 -17.94
N THR A 84 -1.92 -3.52 -18.15
CA THR A 84 -0.83 -2.54 -18.12
C THR A 84 -0.18 -2.53 -16.73
N LEU A 85 1.16 -2.48 -16.68
CA LEU A 85 1.91 -2.45 -15.42
C LEU A 85 2.15 -1.01 -15.03
N PHE A 86 1.74 -0.68 -13.81
CA PHE A 86 1.99 0.62 -13.17
C PHE A 86 2.87 0.47 -11.93
N GLU A 87 3.62 1.52 -11.60
CA GLU A 87 4.29 1.59 -10.32
C GLU A 87 3.23 1.90 -9.28
N ILE A 88 3.21 1.16 -8.16
CA ILE A 88 2.17 1.41 -7.19
C ILE A 88 2.72 2.10 -5.97
N GLY A 89 4.03 2.34 -5.96
CA GLY A 89 4.64 3.10 -4.90
C GLY A 89 4.37 2.44 -3.53
N SER A 90 3.96 3.27 -2.56
CA SER A 90 3.73 2.82 -1.18
C SER A 90 2.57 1.83 -1.01
N VAL A 91 1.73 1.63 -2.02
CA VAL A 91 0.84 0.47 -1.91
C VAL A 91 1.65 -0.83 -1.70
N SER A 92 2.90 -0.83 -2.14
CA SER A 92 3.91 -1.92 -1.88
C SER A 92 4.01 -2.24 -0.38
N LYS A 93 3.75 -1.27 0.49
CA LYS A 93 3.85 -1.50 1.94
C LYS A 93 2.82 -2.55 2.40
N THR A 94 1.69 -2.71 1.71
CA THR A 94 0.75 -3.74 2.08
C THR A 94 1.26 -5.14 1.73
N PHE A 95 2.05 -5.26 0.68
CA PHE A 95 2.69 -6.50 0.33
C PHE A 95 3.79 -6.83 1.32
N THR A 96 4.60 -5.81 1.64
CA THR A 96 5.62 -5.94 2.68
C THR A 96 4.99 -6.44 3.99
N ALA A 97 3.89 -5.81 4.39
CA ALA A 97 3.19 -6.20 5.63
C ALA A 97 2.75 -7.66 5.56
N THR A 98 2.34 -8.11 4.39
CA THR A 98 1.89 -9.50 4.19
C THR A 98 3.05 -10.47 4.44
N LEU A 99 4.25 -10.15 3.94
CA LEU A 99 5.44 -10.98 4.19
CA LEU A 99 5.43 -10.98 4.19
C LEU A 99 5.68 -11.03 5.71
N ALA A 100 5.59 -9.87 6.37
CA ALA A 100 5.78 -9.79 7.81
C ALA A 100 4.72 -10.62 8.55
N GLY A 101 3.47 -10.59 8.06
CA GLY A 101 2.40 -11.40 8.57
C GLY A 101 2.75 -12.87 8.57
N TYR A 102 3.40 -13.29 7.48
CA TYR A 102 3.75 -14.67 7.29
C TYR A 102 4.85 -15.07 8.29
N ALA A 103 5.85 -14.21 8.45
CA ALA A 103 6.90 -14.40 9.45
C ALA A 103 6.30 -14.50 10.85
N LEU A 104 5.32 -13.65 11.15
CA LEU A 104 4.71 -13.63 12.46
C LEU A 104 3.96 -14.94 12.71
N THR A 105 3.22 -15.41 11.70
CA THR A 105 2.36 -16.57 11.92
C THR A 105 3.17 -17.88 11.78
N GLN A 106 4.39 -17.81 11.23
CA GLN A 106 5.35 -18.93 11.27
C GLN A 106 6.27 -18.90 12.52
N ASP A 107 6.01 -17.98 13.46
CA ASP A 107 6.71 -17.77 14.73
C ASP A 107 8.20 -17.49 14.51
N LYS A 108 8.54 -16.80 13.41
CA LYS A 108 9.91 -16.38 13.13
C LYS A 108 10.21 -15.05 13.82
N MET A 109 9.17 -14.30 14.13
CA MET A 109 9.31 -13.04 14.81
C MET A 109 8.00 -12.74 15.52
N ARG A 110 8.07 -11.79 16.46
CA ARG A 110 6.96 -11.30 17.22
C ARG A 110 7.01 -9.75 17.16
N LEU A 111 5.84 -9.11 17.26
CA LEU A 111 5.80 -7.68 17.09
C LEU A 111 6.51 -6.92 18.24
N ASP A 112 6.65 -7.52 19.43
CA ASP A 112 7.34 -6.88 20.58
C ASP A 112 8.84 -7.20 20.61
N ASP A 113 9.38 -7.96 19.64
CA ASP A 113 10.82 -8.16 19.46
C ASP A 113 11.51 -6.80 19.27
N ARG A 114 12.70 -6.70 19.87
CA ARG A 114 13.60 -5.62 19.62
C ARG A 114 14.02 -5.74 18.16
N ALA A 115 14.12 -4.61 17.45
CA ALA A 115 14.58 -4.65 16.07
C ALA A 115 15.97 -5.31 15.93
N SER A 116 16.89 -5.01 16.84
CA SER A 116 18.25 -5.51 16.73
C SER A 116 18.33 -7.02 16.99
N GLN A 117 17.25 -7.64 17.46
CA GLN A 117 17.23 -9.10 17.64
C GLN A 117 17.33 -9.79 16.27
N HIS A 118 16.83 -9.13 15.20
CA HIS A 118 16.78 -9.74 13.86
C HIS A 118 17.92 -9.27 12.97
N TRP A 119 18.72 -8.31 13.45
CA TRP A 119 19.89 -7.80 12.69
C TRP A 119 20.99 -7.47 13.68
N PRO A 120 21.88 -8.44 13.97
CA PRO A 120 22.91 -8.23 14.99
C PRO A 120 23.79 -7.00 14.77
N ALA A 121 23.98 -6.57 13.52
CA ALA A 121 24.78 -5.40 13.27
C ALA A 121 24.14 -4.16 13.89
N LEU A 122 22.86 -4.20 14.24
CA LEU A 122 22.18 -3.06 14.94
C LEU A 122 22.30 -3.15 16.46
N GLN A 123 22.86 -4.24 16.99
CA GLN A 123 22.92 -4.33 18.49
C GLN A 123 23.84 -3.21 18.97
N GLY A 124 23.42 -2.52 20.04
CA GLY A 124 24.17 -1.38 20.55
C GLY A 124 23.61 -0.05 20.09
N SER A 125 22.73 -0.05 19.08
CA SER A 125 22.16 1.20 18.57
C SER A 125 20.85 1.45 19.31
N ARG A 126 20.14 2.49 18.87
CA ARG A 126 18.77 2.78 19.32
C ARG A 126 17.77 1.64 19.01
N PHE A 127 18.10 0.79 18.05
CA PHE A 127 17.20 -0.29 17.57
C PHE A 127 17.12 -1.42 18.61
N ASP A 128 17.98 -1.37 19.65
CA ASP A 128 17.81 -2.23 20.88
C ASP A 128 16.53 -1.90 21.65
N GLY A 129 16.06 -0.64 21.56
CA GLY A 129 14.90 -0.12 22.33
C GLY A 129 13.65 0.15 21.48
N ILE A 130 13.68 -0.24 20.21
CA ILE A 130 12.60 -0.07 19.26
C ILE A 130 12.06 -1.43 18.85
N SER A 131 10.73 -1.55 18.91
CA SER A 131 10.02 -2.80 18.52
C SER A 131 9.77 -2.93 17.02
N LEU A 132 9.56 -4.18 16.59
CA LEU A 132 9.10 -4.37 15.25
C LEU A 132 7.78 -3.61 15.01
N LEU A 133 6.84 -3.65 15.96
CA LEU A 133 5.57 -2.95 15.78
C LEU A 133 5.80 -1.45 15.54
N ASP A 134 6.69 -0.82 16.32
CA ASP A 134 7.06 0.60 16.15
C ASP A 134 7.47 0.86 14.69
N LEU A 135 8.34 0.00 14.15
CA LEU A 135 8.83 0.21 12.76
C LEU A 135 7.66 0.11 11.79
N ALA A 136 6.88 -0.97 11.96
CA ALA A 136 5.76 -1.28 11.07
C ALA A 136 4.77 -0.12 11.02
N THR A 137 4.55 0.58 12.13
CA THR A 137 3.45 1.55 12.23
C THR A 137 3.96 3.00 12.38
N TYR A 138 5.24 3.21 12.07
CA TYR A 138 5.84 4.52 11.88
C TYR A 138 5.99 5.25 13.21
N THR A 139 6.18 4.50 14.31
CA THR A 139 6.21 5.14 15.65
C THR A 139 7.52 4.84 16.36
N ALA A 140 8.59 4.57 15.61
CA ALA A 140 9.90 4.28 16.20
C ALA A 140 10.54 5.54 16.84
N GLY A 141 10.04 6.74 16.52
CA GLY A 141 10.58 7.99 17.06
C GLY A 141 11.05 9.00 16.02
N GLY A 142 10.41 9.02 14.84
CA GLY A 142 10.63 10.04 13.83
C GLY A 142 11.66 9.68 12.80
N LEU A 143 11.78 8.39 12.47
CA LEU A 143 12.44 8.03 11.27
C LEU A 143 11.79 8.86 10.16
N PRO A 144 12.61 9.44 9.25
CA PRO A 144 12.11 10.36 8.25
C PRO A 144 11.28 9.73 7.13
N LEU A 145 10.60 10.60 6.38
CA LEU A 145 9.80 10.13 5.29
C LEU A 145 10.65 9.28 4.35
N GLN A 146 11.84 9.76 4.01
CA GLN A 146 12.77 8.98 3.15
C GLN A 146 14.15 9.07 3.77
N PHE A 147 15.02 8.09 3.45
CA PHE A 147 16.42 8.18 3.76
C PHE A 147 17.02 9.47 3.20
N PRO A 148 18.04 10.06 3.86
CA PRO A 148 18.78 11.16 3.24
C PRO A 148 19.36 10.72 1.90
N ASP A 149 19.55 11.69 1.00
CA ASP A 149 20.07 11.51 -0.37
C ASP A 149 21.34 10.66 -0.39
N SER A 150 22.17 10.83 0.64
CA SER A 150 23.53 10.30 0.70
C SER A 150 23.52 8.77 0.91
N VAL A 151 22.43 8.21 1.46
CA VAL A 151 22.33 6.75 1.63
C VAL A 151 22.00 6.06 0.29
N GLN A 152 22.94 5.27 -0.21
CA GLN A 152 22.80 4.57 -1.43
C GLN A 152 22.22 3.18 -1.17
N LYS A 153 21.84 2.51 -2.26
CA LYS A 153 21.29 1.16 -2.19
C LYS A 153 22.46 0.21 -1.92
N ASP A 154 22.76 -0.03 -0.64
CA ASP A 154 23.95 -0.73 -0.20
C ASP A 154 23.78 -1.11 1.27
N GLN A 155 23.96 -2.39 1.59
CA GLN A 155 23.63 -2.98 2.89
C GLN A 155 24.33 -2.17 3.99
N ALA A 156 25.60 -1.86 3.75
CA ALA A 156 26.51 -1.28 4.73
C ALA A 156 26.14 0.18 5.01
N GLN A 157 25.81 0.95 3.97
CA GLN A 157 25.34 2.34 4.18
C GLN A 157 23.98 2.37 4.91
N ILE A 158 23.10 1.42 4.59
CA ILE A 158 21.81 1.29 5.29
C ILE A 158 22.06 0.95 6.75
N ARG A 159 22.92 -0.04 6.97
CA ARG A 159 23.31 -0.45 8.33
C ARG A 159 23.81 0.77 9.10
N ASP A 160 24.71 1.53 8.48
CA ASP A 160 25.37 2.63 9.14
C ASP A 160 24.39 3.76 9.42
N TYR A 161 23.45 4.00 8.49
CA TYR A 161 22.42 4.95 8.73
C TYR A 161 21.66 4.60 10.02
N TYR A 162 21.21 3.35 10.15
CA TYR A 162 20.39 3.00 11.35
C TYR A 162 21.27 2.97 12.61
N ARG A 163 22.52 2.53 12.47
CA ARG A 163 23.49 2.51 13.62
C ARG A 163 23.68 3.92 14.20
N GLN A 164 23.81 4.95 13.33
CA GLN A 164 24.06 6.32 13.81
C GLN A 164 22.75 7.07 14.11
N TRP A 165 21.59 6.49 13.83
CA TRP A 165 20.35 7.30 13.89
C TRP A 165 19.99 7.64 15.34
N GLN A 166 19.59 8.90 15.55
CA GLN A 166 19.12 9.35 16.87
C GLN A 166 17.67 9.82 16.72
N PRO A 167 16.79 9.48 17.68
CA PRO A 167 15.36 9.78 17.55
C PRO A 167 14.96 11.24 17.80
N THR A 168 13.90 11.65 17.10
CA THR A 168 13.24 12.93 17.37
C THR A 168 12.29 12.83 18.57
N TYR A 169 11.54 11.73 18.64
CA TYR A 169 10.45 11.53 19.57
C TYR A 169 10.70 10.22 20.34
N ALA A 170 10.10 10.08 21.50
CA ALA A 170 10.10 8.84 22.24
C ALA A 170 9.41 7.80 21.38
N PRO A 171 9.79 6.54 21.43
CA PRO A 171 9.07 5.51 20.68
C PRO A 171 7.64 5.32 21.19
N GLY A 172 6.74 4.97 20.27
CA GLY A 172 5.35 4.68 20.57
C GLY A 172 4.54 5.91 20.83
N SER A 173 5.10 7.11 20.58
CA SER A 173 4.42 8.39 20.96
C SER A 173 3.91 9.14 19.74
N GLN A 174 4.68 9.13 18.64
CA GLN A 174 4.33 9.94 17.46
C GLN A 174 4.39 9.10 16.18
N ARG A 175 3.36 9.24 15.35
CA ARG A 175 3.36 8.68 14.00
C ARG A 175 4.02 9.68 13.04
N LEU A 176 5.07 9.25 12.34
CA LEU A 176 5.59 10.03 11.21
C LEU A 176 5.82 9.04 10.08
N TYR A 177 4.99 9.21 9.05
CA TYR A 177 4.96 8.32 7.92
C TYR A 177 6.39 8.21 7.32
N SER A 178 6.85 6.99 7.10
CA SER A 178 8.30 6.78 6.91
C SER A 178 8.62 5.51 6.13
N ASN A 179 9.28 5.70 4.98
CA ASN A 179 9.80 4.61 4.24
C ASN A 179 10.89 3.85 4.99
N PRO A 180 11.93 4.51 5.57
CA PRO A 180 12.94 3.75 6.30
C PRO A 180 12.38 2.95 7.49
N SER A 181 11.26 3.42 8.04
CA SER A 181 10.59 2.75 9.21
C SER A 181 10.06 1.38 8.76
N ILE A 182 9.05 1.40 7.86
CA ILE A 182 8.41 0.14 7.45
C ILE A 182 9.33 -0.66 6.51
N GLY A 183 10.24 0.01 5.81
CA GLY A 183 11.24 -0.63 5.04
C GLY A 183 12.09 -1.54 5.91
N LEU A 184 12.55 -1.04 7.06
CA LEU A 184 13.35 -1.87 7.98
C LEU A 184 12.49 -3.02 8.51
N PHE A 185 11.23 -2.74 8.84
CA PHE A 185 10.30 -3.81 9.23
C PHE A 185 10.32 -4.96 8.21
N GLY A 186 10.18 -4.66 6.92
CA GLY A 186 10.16 -5.66 5.89
C GLY A 186 11.48 -6.40 5.76
N TYR A 187 12.58 -5.66 5.87
CA TYR A 187 13.92 -6.19 5.77
C TYR A 187 14.21 -7.17 6.92
N LEU A 188 13.75 -6.83 8.10
CA LEU A 188 13.94 -7.64 9.32
C LEU A 188 13.04 -8.88 9.24
N ALA A 189 11.86 -8.75 8.61
CA ALA A 189 10.95 -9.86 8.44
C ALA A 189 11.65 -10.88 7.55
N ALA A 190 12.28 -10.39 6.49
CA ALA A 190 12.97 -11.26 5.56
C ALA A 190 14.11 -11.96 6.31
N ARG A 191 14.88 -11.21 7.11
CA ARG A 191 15.98 -11.80 7.88
C ARG A 191 15.45 -12.89 8.82
N SER A 192 14.34 -12.65 9.50
CA SER A 192 13.78 -13.66 10.40
C SER A 192 13.44 -14.94 9.60
N LEU A 193 13.13 -14.82 8.31
CA LEU A 193 12.81 -15.98 7.44
C LEU A 193 14.06 -16.57 6.77
N GLY A 194 15.20 -15.91 6.93
CA GLY A 194 16.49 -16.44 6.46
C GLY A 194 16.74 -16.33 4.96
N GLN A 195 16.07 -15.39 4.29
CA GLN A 195 16.17 -15.27 2.86
C GLN A 195 16.09 -13.80 2.46
N PRO A 196 16.72 -13.38 1.33
CA PRO A 196 16.51 -12.02 0.80
C PRO A 196 15.01 -11.68 0.64
N PHE A 197 14.69 -10.45 1.02
CA PHE A 197 13.37 -9.90 0.82
C PHE A 197 12.84 -10.13 -0.60
N GLU A 198 13.60 -9.72 -1.60
CA GLU A 198 13.15 -9.78 -3.01
C GLU A 198 12.84 -11.24 -3.39
N ARG A 199 13.67 -12.19 -2.92
CA ARG A 199 13.48 -13.60 -3.26
C ARG A 199 12.18 -14.10 -2.63
N LEU A 200 11.94 -13.79 -1.36
CA LEU A 200 10.74 -14.22 -0.69
C LEU A 200 9.50 -13.71 -1.43
N MET A 201 9.57 -12.46 -1.91
CA MET A 201 8.38 -11.85 -2.52
C MET A 201 8.11 -12.56 -3.85
N GLU A 202 9.18 -12.77 -4.61
CA GLU A 202 9.10 -13.27 -5.98
C GLU A 202 8.81 -14.77 -5.95
N GLN A 203 9.38 -15.50 -4.99
CA GLN A 203 9.26 -17.00 -4.98
C GLN A 203 8.18 -17.52 -4.04
N GLN A 204 7.80 -16.76 -3.00
CA GLN A 204 6.79 -17.28 -2.09
C GLN A 204 5.54 -16.38 -2.01
N VAL A 205 5.67 -15.07 -1.81
CA VAL A 205 4.46 -14.24 -1.59
C VAL A 205 3.63 -14.14 -2.88
N PHE A 206 4.24 -13.64 -3.97
CA PHE A 206 3.44 -13.41 -5.15
C PHE A 206 2.75 -14.69 -5.59
N PRO A 207 3.46 -15.85 -5.72
CA PRO A 207 2.82 -17.13 -6.07
C PRO A 207 1.72 -17.57 -5.10
N ALA A 208 1.91 -17.35 -3.80
CA ALA A 208 0.88 -17.73 -2.79
C ALA A 208 -0.44 -16.99 -3.05
N LEU A 209 -0.33 -15.77 -3.58
CA LEU A 209 -1.47 -14.88 -3.77
C LEU A 209 -2.01 -15.02 -5.20
N GLY A 210 -1.37 -15.87 -6.02
CA GLY A 210 -1.77 -16.15 -7.41
C GLY A 210 -1.52 -14.98 -8.36
N LEU A 211 -0.45 -14.22 -8.11
CA LEU A 211 -0.12 -13.01 -8.86
C LEU A 211 1.04 -13.28 -9.81
N GLU A 212 0.75 -13.29 -11.13
CA GLU A 212 1.75 -13.56 -12.20
C GLU A 212 2.04 -12.29 -13.01
N GLN A 213 1.33 -11.20 -12.73
CA GLN A 213 1.65 -9.91 -13.37
C GLN A 213 2.10 -8.87 -12.33
N THR A 214 2.84 -9.33 -11.31
CA THR A 214 3.29 -8.50 -10.22
C THR A 214 4.81 -8.69 -10.05
N HIS A 215 5.58 -7.60 -10.02
CA HIS A 215 7.02 -7.68 -10.12
C HIS A 215 7.65 -6.64 -9.18
N LEU A 216 8.83 -6.97 -8.61
CA LEU A 216 9.71 -5.98 -8.03
C LEU A 216 10.64 -5.46 -9.10
N ASP A 217 11.03 -6.36 -10.03
CA ASP A 217 11.93 -6.05 -11.14
C ASP A 217 11.24 -6.61 -12.38
N VAL A 218 10.83 -5.72 -13.28
CA VAL A 218 9.96 -6.16 -14.37
C VAL A 218 10.83 -6.95 -15.34
N PRO A 219 10.51 -8.23 -15.59
CA PRO A 219 11.34 -9.06 -16.46
C PRO A 219 11.22 -8.67 -17.94
N GLU A 220 12.24 -9.08 -18.70
CA GLU A 220 12.35 -9.04 -20.15
C GLU A 220 10.97 -9.15 -20.82
N ALA A 221 10.29 -10.26 -20.52
CA ALA A 221 9.11 -10.70 -21.20
C ALA A 221 7.92 -9.75 -20.95
N ALA A 222 8.01 -8.90 -19.91
CA ALA A 222 6.86 -8.07 -19.48
C ALA A 222 7.15 -6.59 -19.68
N LEU A 223 8.35 -6.21 -20.16
CA LEU A 223 8.72 -4.79 -20.25
C LEU A 223 7.74 -4.03 -21.16
N ALA A 224 7.21 -4.70 -22.20
CA ALA A 224 6.28 -4.08 -23.17
C ALA A 224 5.00 -3.54 -22.48
N GLN A 225 4.65 -4.11 -21.35
CA GLN A 225 3.45 -3.75 -20.58
C GLN A 225 3.71 -2.61 -19.59
N TYR A 226 4.98 -2.25 -19.36
CA TYR A 226 5.34 -1.22 -18.31
C TYR A 226 5.03 0.18 -18.82
N ALA A 227 3.96 0.77 -18.27
CA ALA A 227 3.63 2.17 -18.56
C ALA A 227 4.83 3.07 -18.31
N GLN A 228 4.82 4.19 -19.03
CA GLN A 228 5.66 5.28 -18.76
C GLN A 228 5.00 6.17 -17.70
N GLY A 229 5.80 6.69 -16.78
CA GLY A 229 5.37 7.65 -15.83
C GLY A 229 5.64 9.05 -16.31
N TYR A 230 4.84 10.02 -15.87
CA TYR A 230 4.99 11.39 -16.30
C TYR A 230 4.96 12.32 -15.10
N GLY A 231 5.96 13.19 -15.04
CA GLY A 231 6.09 14.15 -14.02
C GLY A 231 5.80 15.51 -14.54
N LYS A 232 6.30 16.53 -13.83
CA LYS A 232 6.11 17.94 -14.22
C LYS A 232 6.65 18.16 -15.66
N ASP A 233 5.87 18.89 -16.46
CA ASP A 233 6.17 19.29 -17.84
C ASP A 233 6.21 18.03 -18.70
N ASP A 234 5.63 16.94 -18.17
CA ASP A 234 5.54 15.61 -18.82
C ASP A 234 6.93 14.96 -19.01
N ARG A 235 7.85 15.26 -18.10
CA ARG A 235 9.09 14.51 -17.99
C ARG A 235 8.79 13.02 -17.80
N PRO A 236 9.31 12.13 -18.68
CA PRO A 236 9.09 10.71 -18.52
C PRO A 236 9.94 10.17 -17.36
N LEU A 237 9.30 9.38 -16.50
CA LEU A 237 9.90 9.00 -15.19
C LEU A 237 9.47 7.58 -14.89
N ARG A 238 10.44 6.69 -14.66
CA ARG A 238 10.20 5.41 -14.00
C ARG A 238 11.12 5.36 -12.77
N VAL A 239 10.71 4.63 -11.74
CA VAL A 239 11.37 4.66 -10.47
C VAL A 239 12.81 4.09 -10.60
N GLY A 240 13.75 4.81 -10.02
CA GLY A 240 15.15 4.36 -9.97
C GLY A 240 15.48 3.60 -8.68
N PRO A 241 16.64 2.93 -8.64
CA PRO A 241 17.07 2.20 -7.43
C PRO A 241 17.29 3.11 -6.21
N GLY A 242 16.96 2.58 -5.05
CA GLY A 242 17.15 3.30 -3.86
C GLY A 242 17.19 2.32 -2.69
N PRO A 243 17.72 2.72 -1.53
CA PRO A 243 17.75 1.86 -0.35
C PRO A 243 16.34 1.44 0.10
N LEU A 244 16.18 0.10 0.22
CA LEU A 244 14.96 -0.57 0.72
C LEU A 244 13.79 -0.19 -0.20
N ASP A 245 14.10 0.00 -1.49
CA ASP A 245 13.10 0.32 -2.48
C ASP A 245 12.10 -0.84 -2.60
N ALA A 246 12.58 -2.09 -2.60
CA ALA A 246 11.66 -3.18 -2.78
C ALA A 246 10.62 -3.19 -1.64
N GLU A 247 11.09 -2.97 -0.41
CA GLU A 247 10.29 -3.07 0.79
C GLU A 247 9.26 -1.92 0.89
N GLY A 248 9.64 -0.71 0.46
CA GLY A 248 8.81 0.46 0.67
C GLY A 248 7.93 0.84 -0.53
N TYR A 249 8.39 0.64 -1.77
CA TYR A 249 7.71 1.27 -2.89
C TYR A 249 8.05 0.61 -4.23
N GLY A 250 8.45 -0.67 -4.24
CA GLY A 250 9.09 -1.24 -5.43
C GLY A 250 8.18 -2.10 -6.31
N VAL A 251 6.90 -2.27 -5.97
CA VAL A 251 6.02 -3.15 -6.77
C VAL A 251 5.51 -2.47 -8.05
N LYS A 252 5.57 -3.21 -9.15
CA LYS A 252 4.89 -2.87 -10.40
C LYS A 252 3.85 -3.96 -10.62
N THR A 253 2.61 -3.56 -10.89
CA THR A 253 1.55 -4.54 -11.09
C THR A 253 0.48 -3.97 -12.02
N SER A 254 -0.42 -4.85 -12.48
CA SER A 254 -1.54 -4.48 -13.32
C SER A 254 -2.75 -4.21 -12.44
N ALA A 255 -3.73 -3.49 -12.99
CA ALA A 255 -4.94 -3.28 -12.26
C ALA A 255 -5.61 -4.63 -11.97
N ALA A 256 -5.54 -5.58 -12.93
CA ALA A 256 -6.17 -6.85 -12.73
C ALA A 256 -5.48 -7.63 -11.60
N ASP A 257 -4.15 -7.61 -11.55
CA ASP A 257 -3.45 -8.31 -10.47
C ASP A 257 -3.67 -7.66 -9.11
N LEU A 258 -3.65 -6.32 -9.07
CA LEU A 258 -3.83 -5.68 -7.78
C LEU A 258 -5.24 -5.95 -7.26
N LEU A 259 -6.22 -6.10 -8.17
CA LEU A 259 -7.55 -6.44 -7.72
C LEU A 259 -7.56 -7.88 -7.17
N ARG A 260 -6.79 -8.80 -7.77
CA ARG A 260 -6.64 -10.17 -7.17
C ARG A 260 -6.10 -10.08 -5.74
N PHE A 261 -5.13 -9.18 -5.50
CA PHE A 261 -4.59 -8.97 -4.16
C PHE A 261 -5.67 -8.41 -3.23
N VAL A 262 -6.44 -7.44 -3.72
CA VAL A 262 -7.55 -6.89 -2.94
C VAL A 262 -8.58 -7.99 -2.58
N ASP A 263 -8.92 -8.85 -3.56
CA ASP A 263 -9.89 -9.95 -3.35
C ASP A 263 -9.36 -10.98 -2.33
N ALA A 264 -8.05 -11.28 -2.36
CA ALA A 264 -7.39 -12.12 -1.31
C ALA A 264 -7.53 -11.48 0.08
N ASN A 265 -7.37 -10.16 0.19
CA ASN A 265 -7.61 -9.42 1.43
C ASN A 265 -9.09 -9.47 1.85
N LEU A 266 -10.01 -9.44 0.87
CA LEU A 266 -11.45 -9.50 1.23
C LEU A 266 -11.82 -10.92 1.73
N HIS A 267 -11.17 -11.96 1.22
CA HIS A 267 -11.52 -13.37 1.55
C HIS A 267 -10.24 -14.17 1.78
N PRO A 268 -9.49 -13.91 2.86
CA PRO A 268 -8.19 -14.60 3.07
C PRO A 268 -8.33 -16.14 3.13
N GLU A 269 -9.45 -16.60 3.69
CA GLU A 269 -9.75 -18.05 3.92
C GLU A 269 -9.72 -18.85 2.61
N ARG A 270 -9.82 -18.20 1.45
CA ARG A 270 -9.67 -18.88 0.16
C ARG A 270 -8.21 -19.21 -0.13
N LEU A 271 -7.25 -18.69 0.65
CA LEU A 271 -5.87 -19.12 0.46
C LEU A 271 -5.61 -20.30 1.41
N ASP A 272 -4.50 -20.98 1.20
CA ASP A 272 -3.95 -21.95 2.17
C ASP A 272 -3.70 -21.25 3.49
N ARG A 273 -3.96 -21.95 4.61
CA ARG A 273 -4.02 -21.43 6.00
C ARG A 273 -2.85 -20.47 6.31
N PRO A 274 -1.57 -20.80 5.97
CA PRO A 274 -0.45 -19.97 6.40
C PRO A 274 -0.63 -18.53 5.84
N TRP A 275 -1.08 -18.44 4.59
CA TRP A 275 -1.23 -17.17 3.88
C TRP A 275 -2.53 -16.46 4.28
N ALA A 276 -3.59 -17.22 4.57
CA ALA A 276 -4.80 -16.68 5.16
C ALA A 276 -4.43 -15.95 6.46
N GLN A 277 -3.63 -16.60 7.33
CA GLN A 277 -3.34 -15.96 8.61
CA GLN A 277 -3.22 -16.05 8.62
C GLN A 277 -2.35 -14.80 8.41
N ALA A 278 -1.48 -14.86 7.40
CA ALA A 278 -0.54 -13.73 7.09
C ALA A 278 -1.34 -12.47 6.74
N LEU A 279 -2.38 -12.62 5.91
CA LEU A 279 -3.29 -11.48 5.54
C LEU A 279 -4.08 -10.96 6.73
N ASP A 280 -4.65 -11.88 7.53
CA ASP A 280 -5.41 -11.50 8.71
CA ASP A 280 -5.38 -11.54 8.75
C ASP A 280 -4.52 -10.65 9.63
N ALA A 281 -3.23 -10.99 9.75
CA ALA A 281 -2.24 -10.28 10.62
C ALA A 281 -2.08 -8.81 10.20
N THR A 282 -2.32 -8.50 8.90
CA THR A 282 -2.21 -7.13 8.42
C THR A 282 -3.51 -6.38 8.69
N HIS A 283 -4.57 -7.09 9.07
CA HIS A 283 -5.87 -6.44 9.28
C HIS A 283 -6.12 -6.23 10.78
N ARG A 284 -5.12 -5.74 11.50
CA ARG A 284 -5.23 -5.51 12.93
C ARG A 284 -4.74 -4.10 13.20
N GLY A 285 -5.56 -3.33 13.89
CA GLY A 285 -5.30 -1.93 14.16
C GLY A 285 -4.70 -1.72 15.53
N TYR A 286 -3.69 -0.83 15.64
CA TYR A 286 -2.90 -0.66 16.85
C TYR A 286 -3.12 0.67 17.54
N TYR A 287 -3.47 1.70 16.78
CA TYR A 287 -3.73 3.00 17.32
C TYR A 287 -4.54 3.81 16.33
N LYS A 288 -5.06 4.95 16.80
CA LYS A 288 -5.83 5.87 15.95
C LYS A 288 -5.11 7.20 15.87
N VAL A 289 -5.25 7.84 14.70
CA VAL A 289 -4.97 9.23 14.47
C VAL A 289 -6.21 9.79 13.78
N GLY A 290 -6.92 10.70 14.46
CA GLY A 290 -8.17 11.21 13.99
C GLY A 290 -9.11 10.07 13.70
N ASP A 291 -9.55 9.94 12.44
CA ASP A 291 -10.54 8.92 12.08
C ASP A 291 -9.88 7.62 11.61
N MET A 292 -8.54 7.62 11.55
CA MET A 292 -7.79 6.56 10.89
C MET A 292 -7.22 5.60 11.94
N THR A 293 -7.46 4.29 11.74
CA THR A 293 -6.84 3.27 12.54
C THR A 293 -5.69 2.66 11.74
N GLN A 294 -4.49 2.67 12.33
CA GLN A 294 -3.28 2.18 11.64
C GLN A 294 -3.15 0.68 11.82
N GLY A 295 -3.06 -0.04 10.70
CA GLY A 295 -2.75 -1.44 10.69
C GLY A 295 -1.32 -1.67 10.25
N LEU A 296 -1.02 -2.90 9.87
CA LEU A 296 0.22 -3.18 9.22
C LEU A 296 0.04 -2.87 7.74
N GLY A 297 0.62 -1.75 7.29
CA GLY A 297 0.46 -1.28 5.90
C GLY A 297 -0.90 -0.59 5.69
N TRP A 298 -1.98 -1.36 5.88
CA TRP A 298 -3.32 -0.87 5.75
C TRP A 298 -3.65 0.19 6.80
N GLU A 299 -4.44 1.19 6.35
CA GLU A 299 -5.00 2.24 7.17
C GLU A 299 -6.52 2.08 7.06
N ALA A 300 -7.24 2.19 8.19
CA ALA A 300 -8.70 1.84 8.18
C ALA A 300 -9.52 2.97 8.79
N TYR A 301 -10.76 3.04 8.31
CA TYR A 301 -11.78 3.98 8.68
C TYR A 301 -13.08 3.20 8.94
N ASP A 302 -13.95 3.76 9.78
CA ASP A 302 -15.36 3.26 9.84
C ASP A 302 -16.03 3.56 8.50
N TRP A 303 -16.91 2.66 8.07
CA TRP A 303 -17.70 2.86 6.88
C TRP A 303 -19.18 2.72 7.24
N PRO A 304 -20.10 3.61 6.81
CA PRO A 304 -19.79 4.81 6.03
C PRO A 304 -18.99 5.90 6.75
N ILE A 305 -18.28 6.71 5.95
CA ILE A 305 -17.66 7.95 6.36
C ILE A 305 -17.78 8.95 5.21
N SER A 306 -17.74 10.22 5.59
CA SER A 306 -17.85 11.35 4.74
C SER A 306 -16.60 11.47 3.85
N LEU A 307 -16.78 12.05 2.66
CA LEU A 307 -15.69 12.27 1.75
C LEU A 307 -14.64 13.13 2.41
N LYS A 308 -15.07 14.23 3.07
CA LYS A 308 -14.16 15.19 3.60
C LYS A 308 -13.25 14.51 4.62
N ARG A 309 -13.83 13.61 5.40
CA ARG A 309 -13.08 12.93 6.47
C ARG A 309 -12.11 11.89 5.90
N LEU A 310 -12.52 11.16 4.86
CA LEU A 310 -11.63 10.21 4.22
C LEU A 310 -10.45 10.95 3.55
N GLN A 311 -10.73 12.14 2.98
CA GLN A 311 -9.67 12.94 2.35
C GLN A 311 -8.67 13.41 3.41
N ALA A 312 -9.19 13.82 4.57
CA ALA A 312 -8.34 14.35 5.62
C ALA A 312 -7.43 13.24 6.21
N GLY A 313 -7.94 12.01 6.31
CA GLY A 313 -7.12 10.87 6.72
C GLY A 313 -5.99 10.58 5.76
N ASN A 314 -6.18 10.97 4.49
CA ASN A 314 -5.21 10.73 3.39
C ASN A 314 -4.54 12.05 2.93
N SER A 315 -4.50 13.05 3.83
CA SER A 315 -4.06 14.39 3.53
C SER A 315 -2.54 14.48 3.49
N THR A 316 -2.03 15.59 2.96
CA THR A 316 -0.64 15.85 2.89
C THR A 316 -0.06 15.96 4.31
N PRO A 317 -0.72 16.66 5.27
CA PRO A 317 -0.26 16.68 6.65
C PRO A 317 -0.14 15.29 7.27
N MET A 318 -1.07 14.37 6.94
CA MET A 318 -1.00 13.00 7.49
C MET A 318 0.27 12.28 7.03
N ALA A 319 0.70 12.59 5.81
CA ALA A 319 1.87 11.99 5.23
C ALA A 319 3.17 12.67 5.66
N LEU A 320 3.12 13.97 5.96
CA LEU A 320 4.37 14.78 6.07
C LEU A 320 4.64 15.30 7.48
N GLN A 321 3.64 15.29 8.36
CA GLN A 321 3.74 15.89 9.68
C GLN A 321 3.63 14.80 10.72
N PRO A 322 4.27 15.01 11.90
CA PRO A 322 4.08 14.07 13.01
C PRO A 322 2.69 14.23 13.63
N HIS A 323 2.14 13.13 14.12
CA HIS A 323 0.86 13.16 14.78
C HIS A 323 0.93 12.35 16.08
N ARG A 324 0.31 12.89 17.13
CA ARG A 324 0.12 12.18 18.38
C ARG A 324 -0.82 11.00 18.12
N ILE A 325 -0.52 9.85 18.72
CA ILE A 325 -1.35 8.65 18.51
C ILE A 325 -2.28 8.45 19.72
N ALA A 326 -3.43 7.85 19.48
CA ALA A 326 -4.34 7.39 20.56
C ALA A 326 -4.24 5.87 20.60
N ARG A 327 -3.54 5.33 21.59
CA ARG A 327 -3.24 3.89 21.52
C ARG A 327 -4.52 3.12 21.91
N LEU A 328 -4.69 1.93 21.32
CA LEU A 328 -5.89 1.14 21.55
C LEU A 328 -5.58 0.16 22.69
N PRO A 329 -6.56 -0.14 23.59
CA PRO A 329 -6.32 -1.05 24.71
C PRO A 329 -5.79 -2.41 24.24
N ALA A 330 -6.32 -2.84 23.08
CA ALA A 330 -5.96 -4.09 22.44
C ALA A 330 -6.09 -3.92 20.92
N PRO A 331 -5.24 -4.63 20.13
CA PRO A 331 -5.28 -4.56 18.67
C PRO A 331 -6.72 -4.80 18.20
N GLN A 332 -7.25 -3.95 17.32
CA GLN A 332 -8.63 -4.08 16.84
C GLN A 332 -8.64 -4.88 15.52
N ALA A 333 -9.47 -5.92 15.40
CA ALA A 333 -9.67 -6.61 14.09
C ALA A 333 -10.30 -5.63 13.07
N LEU A 334 -9.61 -5.38 11.94
CA LEU A 334 -10.13 -4.43 10.90
C LEU A 334 -11.03 -5.19 9.91
N GLU A 335 -12.28 -5.35 10.32
CA GLU A 335 -13.24 -6.18 9.62
C GLU A 335 -14.59 -5.49 9.70
N GLY A 336 -15.64 -6.14 9.15
CA GLY A 336 -17.01 -5.65 9.19
C GLY A 336 -17.18 -4.34 8.43
N GLN A 337 -17.76 -3.36 9.11
CA GLN A 337 -18.17 -2.09 8.51
C GLN A 337 -16.98 -1.10 8.57
N ARG A 338 -15.97 -1.41 7.78
CA ARG A 338 -14.79 -0.58 7.74
C ARG A 338 -14.30 -0.48 6.29
N LEU A 339 -13.57 0.61 6.05
CA LEU A 339 -12.86 0.79 4.81
CA LEU A 339 -12.86 0.85 4.81
C LEU A 339 -11.36 0.74 5.10
N LEU A 340 -10.66 -0.17 4.40
CA LEU A 340 -9.21 -0.25 4.48
C LEU A 340 -8.65 0.31 3.15
N ASN A 341 -7.58 1.09 3.24
CA ASN A 341 -7.02 1.74 2.07
C ASN A 341 -5.50 1.90 2.21
N LYS A 342 -4.87 2.24 1.08
CA LYS A 342 -3.51 2.70 1.03
C LYS A 342 -3.33 3.49 -0.26
N THR A 343 -2.73 4.67 -0.14
CA THR A 343 -2.26 5.42 -1.27
C THR A 343 -0.83 4.98 -1.56
N GLY A 344 -0.38 5.26 -2.79
CA GLY A 344 1.01 5.04 -3.15
C GLY A 344 1.38 5.91 -4.34
N SER A 345 2.59 6.43 -4.30
CA SER A 345 3.09 7.39 -5.31
C SER A 345 4.58 7.11 -5.55
N THR A 346 5.01 7.35 -6.78
CA THR A 346 6.40 7.50 -7.17
C THR A 346 6.46 8.81 -7.95
N ASN A 347 7.63 9.22 -8.43
CA ASN A 347 7.75 10.48 -9.17
C ASN A 347 6.77 10.53 -10.38
N GLY A 348 6.52 9.37 -11.01
CA GLY A 348 5.75 9.30 -12.21
C GLY A 348 4.34 8.72 -12.10
N PHE A 349 3.94 8.20 -10.93
CA PHE A 349 2.77 7.33 -10.82
C PHE A 349 2.01 7.62 -9.52
N GLY A 350 0.70 7.41 -9.58
CA GLY A 350 -0.18 7.58 -8.40
C GLY A 350 -1.20 6.47 -8.34
N ALA A 351 -1.16 5.68 -7.25
CA ALA A 351 -2.03 4.54 -7.06
C ALA A 351 -2.91 4.75 -5.81
N TYR A 352 -4.04 4.06 -5.77
CA TYR A 352 -4.86 3.98 -4.58
C TYR A 352 -5.63 2.67 -4.59
N VAL A 353 -5.71 2.03 -3.43
CA VAL A 353 -6.46 0.79 -3.25
CA VAL A 353 -6.53 0.83 -3.31
C VAL A 353 -7.41 0.96 -2.06
N ALA A 354 -8.59 0.38 -2.14
CA ALA A 354 -9.48 0.34 -0.97
C ALA A 354 -10.38 -0.90 -1.02
N PHE A 355 -10.83 -1.36 0.14
CA PHE A 355 -11.81 -2.43 0.18
C PHE A 355 -12.67 -2.25 1.41
N VAL A 356 -13.91 -2.75 1.32
CA VAL A 356 -14.89 -2.62 2.37
C VAL A 356 -15.45 -4.01 2.65
N PRO A 357 -14.90 -4.75 3.63
CA PRO A 357 -15.33 -6.13 3.90
C PRO A 357 -16.84 -6.37 4.03
N GLY A 358 -17.54 -5.45 4.71
CA GLY A 358 -19.00 -5.54 4.92
C GLY A 358 -19.82 -5.18 3.70
N ARG A 359 -19.17 -4.81 2.60
CA ARG A 359 -19.89 -4.69 1.33
C ARG A 359 -19.36 -5.69 0.29
N ASP A 360 -18.34 -6.48 0.66
CA ASP A 360 -17.63 -7.36 -0.27
C ASP A 360 -17.24 -6.57 -1.53
N LEU A 361 -16.62 -5.42 -1.30
CA LEU A 361 -16.34 -4.47 -2.37
C LEU A 361 -14.83 -4.14 -2.38
N GLY A 362 -14.20 -4.28 -3.56
CA GLY A 362 -12.77 -3.97 -3.77
C GLY A 362 -12.57 -2.94 -4.86
N LEU A 363 -11.54 -2.07 -4.73
CA LEU A 363 -11.31 -1.01 -5.71
C LEU A 363 -9.81 -0.72 -5.84
N VAL A 364 -9.36 -0.56 -7.09
CA VAL A 364 -7.98 -0.26 -7.53
C VAL A 364 -8.07 0.88 -8.52
N ILE A 365 -7.30 1.94 -8.31
CA ILE A 365 -7.14 3.06 -9.25
C ILE A 365 -5.65 3.30 -9.47
N LEU A 366 -5.13 3.02 -10.68
CA LEU A 366 -3.72 3.17 -10.96
C LEU A 366 -3.59 4.18 -12.11
N ALA A 367 -2.66 5.12 -11.95
CA ALA A 367 -2.43 6.16 -12.95
C ALA A 367 -0.93 6.40 -13.14
N ASN A 368 -0.59 6.93 -14.32
CA ASN A 368 0.79 7.21 -14.67
C ASN A 368 1.06 8.72 -14.57
N ARG A 369 0.50 9.33 -13.55
CA ARG A 369 0.92 10.62 -13.03
C ARG A 369 0.69 10.55 -11.53
N ASN A 370 1.59 11.19 -10.75
CA ASN A 370 1.42 11.43 -9.35
C ASN A 370 0.53 12.65 -9.12
N TYR A 371 -0.77 12.37 -9.04
CA TYR A 371 -1.81 13.42 -8.92
C TYR A 371 -2.31 13.39 -7.47
N PRO A 372 -2.89 14.51 -6.96
CA PRO A 372 -3.14 14.65 -5.52
C PRO A 372 -3.98 13.52 -4.91
N ASN A 373 -3.61 13.10 -3.70
CA ASN A 373 -4.31 12.03 -2.96
C ASN A 373 -5.81 12.34 -2.88
N ALA A 374 -6.13 13.61 -2.64
CA ALA A 374 -7.51 14.08 -2.47
C ALA A 374 -8.34 13.74 -3.71
N GLU A 375 -7.74 13.84 -4.88
CA GLU A 375 -8.41 13.50 -6.13
C GLU A 375 -8.58 11.99 -6.25
N ARG A 376 -7.61 11.21 -5.75
CA ARG A 376 -7.74 9.75 -5.83
C ARG A 376 -8.94 9.33 -4.99
N VAL A 377 -9.03 9.94 -3.81
CA VAL A 377 -10.08 9.63 -2.83
C VAL A 377 -11.44 10.04 -3.43
N LYS A 378 -11.46 11.17 -4.14
CA LYS A 378 -12.67 11.67 -4.81
C LYS A 378 -13.21 10.62 -5.78
N ILE A 379 -12.32 10.03 -6.59
CA ILE A 379 -12.71 8.98 -7.50
C ILE A 379 -13.29 7.82 -6.70
N ALA A 380 -12.52 7.32 -5.73
CA ALA A 380 -12.87 6.12 -5.02
C ALA A 380 -14.22 6.35 -4.32
N TYR A 381 -14.38 7.51 -3.71
CA TYR A 381 -15.59 7.81 -2.97
C TYR A 381 -16.80 7.82 -3.89
N ALA A 382 -16.68 8.44 -5.07
CA ALA A 382 -17.81 8.49 -6.02
C ALA A 382 -18.26 7.05 -6.32
N ILE A 383 -17.29 6.16 -6.48
CA ILE A 383 -17.60 4.80 -6.82
C ILE A 383 -18.26 4.11 -5.62
N LEU A 384 -17.61 4.19 -4.45
CA LEU A 384 -18.11 3.51 -3.23
C LEU A 384 -19.50 4.03 -2.88
N SER A 385 -19.63 5.35 -2.84
CA SER A 385 -20.86 6.01 -2.48
C SER A 385 -21.97 5.75 -3.50
N GLY A 386 -21.61 5.69 -4.78
CA GLY A 386 -22.60 5.43 -5.83
C GLY A 386 -23.19 4.04 -5.68
N LEU A 387 -22.34 3.07 -5.37
CA LEU A 387 -22.78 1.70 -5.19
C LEU A 387 -23.64 1.58 -3.92
N GLU A 388 -23.22 2.26 -2.85
CA GLU A 388 -23.94 2.35 -1.55
C GLU A 388 -25.42 2.77 -1.77
N GLN A 389 -25.67 3.73 -2.69
CA GLN A 389 -27.02 4.39 -2.83
C GLN A 389 -28.02 3.54 -3.62
N GLN A 390 -27.53 2.57 -4.41
CA GLN A 390 -28.44 1.63 -5.12
C GLN A 390 -29.05 0.62 -4.15
N GLY A 391 -28.32 0.32 -3.06
CA GLY A 391 -28.79 -0.61 -2.03
C GLY A 391 -29.75 0.03 -1.00
N LYS A 392 -30.45 1.12 -1.38
CA LYS A 392 -31.52 1.74 -0.54
C LYS A 392 -32.89 1.22 -1.00
N VAL A 393 -33.87 1.24 -0.08
CA VAL A 393 -35.27 0.84 -0.37
C VAL A 393 -36.05 2.06 -0.88
N PRO A 394 -36.62 1.98 -2.12
CA PRO A 394 -37.43 3.07 -2.67
C PRO A 394 -38.68 3.47 -1.87
N LEU A 395 -38.69 4.74 -1.43
CA LEU A 395 -39.85 5.58 -0.94
C LEU A 395 -40.38 4.99 0.37
#